data_4MG8
#
_entry.id   4MG8
#
_cell.length_a   55.950
_cell.length_b   81.830
_cell.length_c   58.570
_cell.angle_alpha   90.00
_cell.angle_beta   110.70
_cell.angle_gamma   90.00
#
_symmetry.space_group_name_H-M   'P 1 21 1'
#
loop_
_entity.id
_entity.type
_entity.pdbx_description
1 polymer 'Estrogen receptor'
2 polymer 'Estrogen receptor'
3 polymer 'Nuclear receptor coactivator 1'
4 non-polymer alpha-zearalanol
5 non-polymer GLYCEROL
6 non-polymer 1,2-ETHANEDIOL
7 water water
#
loop_
_entity_poly.entity_id
_entity_poly.type
_entity_poly.pdbx_seq_one_letter_code
_entity_poly.pdbx_strand_id
1 'polypeptide(L)'
;GSHMKKNSLALSLTADQMVSALLDAEPPILYSEYDPTRPFSEASMMGLLTNLADRELVHMINWAKRVPGFVDLTLHDQVH
LLE(CSO)AWLEILMIGLVWRSMEHPGKLLFAPNLLLDRNQGK(CSO)VEGMVEIFDMLLATSSRFRMMNLQGEEFVCLK
SIILLNSGVYTFLSSTLKSLEEKDHIHRVLDKITDTLIHLMAKAGLTLQQQHQRLAQLLLILSHIRHMSNKGMEHLYSMK
CKNVVPLSDLLLEMLDAHRLHAP
;
A
2 'polypeptide(L)'
;GSHMKKNSLALSLTADQMVSALLDAEPPILYSEYDPTRPFSEASMMGLLTNLADRELVHMINWAKRVPGFVDLTLHDQVH
LLE(CSO)AWLEILMIGLVWRSMEHPGKLLFAPNLLLDRNQGK(CSO)VEGMVEIFDMLLATSSRFRMMNLQGEEFVCLK
SIILLNSGVYTFLSSTLKSLEEKDHIHRVLDKITDTLIHLMAKAGLTLQQQHQRLAQLLLILSHIRHMSNKGMEHLYSMK
(CSO)KNVVPLSDLLLEMLDAHRLHAP
;
B
3 'polypeptide(L)' RHKILHRLLQEGS C,D
#
# COMPACT_ATOMS: atom_id res chain seq x y z
N SER A 8 -9.75 -3.19 28.08
CA SER A 8 -10.05 -3.29 26.66
C SER A 8 -10.91 -4.52 26.34
N LEU A 9 -12.18 -4.26 26.06
CA LEU A 9 -13.11 -5.31 25.67
C LEU A 9 -12.87 -5.73 24.22
N ALA A 10 -12.23 -4.86 23.45
CA ALA A 10 -11.93 -5.14 22.06
C ALA A 10 -11.17 -6.45 21.89
N LEU A 11 -10.24 -6.71 22.80
CA LEU A 11 -9.42 -7.92 22.71
C LEU A 11 -10.15 -9.12 23.31
N SER A 12 -11.33 -8.87 23.88
CA SER A 12 -12.12 -9.92 24.51
C SER A 12 -13.29 -10.37 23.63
N LEU A 13 -13.27 -9.96 22.37
CA LEU A 13 -14.34 -10.31 21.44
C LEU A 13 -14.03 -11.60 20.70
N THR A 14 -15.05 -12.46 20.59
CA THR A 14 -14.96 -13.62 19.73
C THR A 14 -15.03 -13.14 18.27
N ALA A 15 -14.78 -14.04 17.33
CA ALA A 15 -14.84 -13.68 15.92
C ALA A 15 -16.26 -13.31 15.49
N ASP A 16 -17.25 -14.02 16.02
CA ASP A 16 -18.63 -13.72 15.71
C ASP A 16 -18.96 -12.32 16.18
N GLN A 17 -18.46 -11.98 17.37
CA GLN A 17 -18.73 -10.70 18.00
C GLN A 17 -18.05 -9.54 17.27
N MET A 18 -16.83 -9.78 16.78
CA MET A 18 -16.15 -8.75 16.00
C MET A 18 -16.94 -8.48 14.71
N VAL A 19 -17.35 -9.53 14.00
CA VAL A 19 -18.15 -9.34 12.79
C VAL A 19 -19.43 -8.55 13.06
N SER A 20 -20.14 -8.90 14.12
CA SER A 20 -21.38 -8.21 14.48
C SER A 20 -21.16 -6.74 14.81
N ALA A 21 -20.11 -6.46 15.58
CA ALA A 21 -19.74 -5.09 15.91
C ALA A 21 -19.50 -4.26 14.66
N LEU A 22 -18.70 -4.79 13.74
CA LEU A 22 -18.38 -4.08 12.50
C LEU A 22 -19.63 -3.89 11.62
N LEU A 23 -20.41 -4.95 11.45
CA LEU A 23 -21.63 -4.86 10.68
C LEU A 23 -22.58 -3.81 11.25
N ASP A 24 -22.75 -3.82 12.57
CA ASP A 24 -23.63 -2.83 13.20
C ASP A 24 -23.12 -1.40 13.06
N ALA A 25 -21.80 -1.24 12.98
CA ALA A 25 -21.19 0.08 12.92
C ALA A 25 -21.32 0.73 11.55
N GLU A 26 -21.74 -0.03 10.54
CA GLU A 26 -21.68 0.44 9.16
C GLU A 26 -22.39 1.77 8.95
N PRO A 27 -21.74 2.72 8.26
CA PRO A 27 -22.42 3.99 7.96
C PRO A 27 -23.43 3.79 6.85
N PRO A 28 -24.33 4.75 6.65
CA PRO A 28 -25.35 4.63 5.61
C PRO A 28 -24.84 5.06 4.25
N ILE A 29 -25.57 4.63 3.23
CA ILE A 29 -25.27 5.04 1.86
C ILE A 29 -25.98 6.36 1.64
N LEU A 30 -25.24 7.38 1.26
CA LEU A 30 -25.79 8.71 1.14
C LEU A 30 -26.21 9.01 -0.30
N TYR A 31 -27.07 10.00 -0.46
CA TYR A 31 -27.46 10.46 -1.78
C TYR A 31 -26.69 11.72 -2.15
N SER A 32 -26.46 11.91 -3.44
CA SER A 32 -25.84 13.14 -3.91
CA SER A 32 -25.84 13.13 -3.94
C SER A 32 -26.92 14.17 -4.21
N GLU A 33 -26.56 15.44 -4.25
CA GLU A 33 -27.53 16.47 -4.61
C GLU A 33 -27.61 16.58 -6.13
N TYR A 34 -27.07 15.57 -6.82
CA TYR A 34 -27.00 15.53 -8.27
C TYR A 34 -28.28 15.99 -8.95
N ASP A 35 -28.20 17.15 -9.60
CA ASP A 35 -29.29 17.65 -10.43
C ASP A 35 -29.01 17.25 -11.87
N PRO A 36 -29.66 16.18 -12.34
CA PRO A 36 -29.42 15.58 -13.66
C PRO A 36 -29.81 16.51 -14.80
N THR A 37 -30.39 17.65 -14.47
CA THR A 37 -30.74 18.63 -15.49
C THR A 37 -29.57 19.56 -15.73
N ARG A 38 -28.77 19.78 -14.70
CA ARG A 38 -27.60 20.63 -14.79
C ARG A 38 -26.51 19.99 -15.66
N PRO A 39 -26.17 20.64 -16.78
CA PRO A 39 -25.08 20.17 -17.63
C PRO A 39 -23.76 20.13 -16.86
N PHE A 40 -23.04 19.02 -17.03
CA PHE A 40 -21.77 18.83 -16.33
C PHE A 40 -20.69 19.82 -16.77
N SER A 41 -19.98 20.35 -15.77
CA SER A 41 -18.72 21.02 -15.99
C SER A 41 -17.73 20.32 -15.08
N GLU A 42 -16.45 20.60 -15.24
CA GLU A 42 -15.45 20.07 -14.32
C GLU A 42 -15.70 20.61 -12.92
N ALA A 43 -16.10 21.88 -12.85
CA ALA A 43 -16.33 22.52 -11.55
C ALA A 43 -17.49 21.89 -10.79
N SER A 44 -18.55 21.55 -11.50
CA SER A 44 -19.75 21.02 -10.86
C SER A 44 -19.59 19.56 -10.49
N MET A 45 -18.89 18.78 -11.31
CA MET A 45 -18.70 17.36 -11.00
C MET A 45 -17.85 17.22 -9.76
N MET A 46 -16.79 18.00 -9.67
CA MET A 46 -15.94 18.04 -8.49
C MET A 46 -16.69 18.68 -7.34
N GLY A 47 -17.68 19.50 -7.67
CA GLY A 47 -18.57 20.06 -6.66
C GLY A 47 -19.32 18.92 -6.01
N LEU A 48 -19.92 18.08 -6.84
CA LEU A 48 -20.69 16.94 -6.36
C LEU A 48 -19.82 15.98 -5.55
N LEU A 49 -18.63 15.68 -6.07
CA LEU A 49 -17.79 14.66 -5.45
C LEU A 49 -17.26 15.10 -4.09
N THR A 50 -16.82 16.36 -4.01
CA THR A 50 -16.27 16.85 -2.75
C THR A 50 -17.39 17.06 -1.73
N ASN A 51 -18.57 17.46 -2.20
CA ASN A 51 -19.70 17.59 -1.28
C ASN A 51 -20.01 16.24 -0.67
N LEU A 52 -20.07 15.21 -1.51
CA LEU A 52 -20.36 13.86 -1.05
C LEU A 52 -19.27 13.41 -0.08
N ALA A 53 -18.02 13.64 -0.45
CA ALA A 53 -16.91 13.19 0.40
C ALA A 53 -17.02 13.84 1.77
N ASP A 54 -17.32 15.13 1.78
CA ASP A 54 -17.47 15.84 3.04
C ASP A 54 -18.58 15.25 3.91
N ARG A 55 -19.73 14.92 3.32
CA ARG A 55 -20.79 14.30 4.10
CA ARG A 55 -20.81 14.29 4.08
C ARG A 55 -20.40 12.89 4.56
N GLU A 56 -19.74 12.13 3.69
CA GLU A 56 -19.30 10.78 4.07
C GLU A 56 -18.27 10.81 5.20
N LEU A 57 -17.43 11.83 5.19
CA LEU A 57 -16.40 11.99 6.22
C LEU A 57 -16.99 12.11 7.62
N VAL A 58 -18.09 12.85 7.75
CA VAL A 58 -18.74 12.97 9.05
C VAL A 58 -19.22 11.62 9.57
N HIS A 59 -19.92 10.85 8.74
CA HIS A 59 -20.32 9.51 9.14
C HIS A 59 -19.10 8.62 9.43
N MET A 60 -18.04 8.79 8.64
CA MET A 60 -16.83 7.98 8.82
C MET A 60 -16.22 8.20 10.20
N ILE A 61 -16.13 9.46 10.60
CA ILE A 61 -15.59 9.79 11.93
C ILE A 61 -16.38 9.07 13.01
N ASN A 62 -17.70 9.08 12.89
CA ASN A 62 -18.52 8.44 13.90
CA ASN A 62 -18.56 8.43 13.87
C ASN A 62 -18.45 6.91 13.81
N TRP A 63 -18.30 6.39 12.61
CA TRP A 63 -18.09 4.95 12.44
C TRP A 63 -16.78 4.51 13.11
N ALA A 64 -15.72 5.28 12.92
CA ALA A 64 -14.42 4.95 13.49
C ALA A 64 -14.51 4.75 15.00
N LYS A 65 -15.25 5.62 15.68
CA LYS A 65 -15.47 5.48 17.12
C LYS A 65 -16.04 4.11 17.52
N ARG A 66 -16.72 3.45 16.58
CA ARG A 66 -17.38 2.18 16.86
C ARG A 66 -16.57 0.96 16.45
N VAL A 67 -15.39 1.16 15.89
CA VAL A 67 -14.51 0.04 15.53
C VAL A 67 -13.79 -0.40 16.81
N PRO A 68 -13.92 -1.68 17.18
CA PRO A 68 -13.34 -2.11 18.46
C PRO A 68 -11.86 -1.75 18.57
N GLY A 69 -11.49 -1.16 19.70
CA GLY A 69 -10.12 -0.77 19.94
C GLY A 69 -9.85 0.69 19.62
N PHE A 70 -10.62 1.28 18.72
CA PHE A 70 -10.29 2.62 18.25
C PHE A 70 -10.28 3.66 19.36
N VAL A 71 -11.33 3.70 20.17
CA VAL A 71 -11.41 4.74 21.20
C VAL A 71 -10.52 4.44 22.41
N ASP A 72 -9.79 3.33 22.35
CA ASP A 72 -8.82 3.01 23.40
C ASP A 72 -7.56 3.82 23.16
N LEU A 73 -7.44 4.36 21.96
CA LEU A 73 -6.29 5.16 21.57
C LEU A 73 -6.44 6.58 22.07
N THR A 74 -5.33 7.27 22.29
CA THR A 74 -5.37 8.68 22.62
C THR A 74 -6.01 9.41 21.46
N LEU A 75 -6.51 10.62 21.73
CA LEU A 75 -7.20 11.39 20.73
C LEU A 75 -6.26 11.76 19.59
N HIS A 76 -5.03 12.11 19.93
CA HIS A 76 -4.06 12.48 18.92
C HIS A 76 -3.73 11.30 18.00
N ASP A 77 -3.73 10.10 18.57
CA ASP A 77 -3.50 8.89 17.78
C ASP A 77 -4.69 8.58 16.86
N GLN A 78 -5.90 8.86 17.35
CA GLN A 78 -7.09 8.66 16.53
C GLN A 78 -7.10 9.63 15.37
N VAL A 79 -6.68 10.86 15.64
CA VAL A 79 -6.63 11.90 14.62
C VAL A 79 -5.65 11.51 13.52
N HIS A 80 -4.50 10.99 13.93
CA HIS A 80 -3.47 10.61 12.98
C HIS A 80 -3.96 9.49 12.07
N LEU A 81 -4.57 8.46 12.66
CA LEU A 81 -5.02 7.31 11.89
C LEU A 81 -6.10 7.70 10.86
N LEU A 82 -7.06 8.54 11.26
CA LEU A 82 -8.08 8.99 10.31
C LEU A 82 -7.50 9.94 9.27
N GLU A 83 -6.52 10.75 9.68
CA GLU A 83 -5.86 11.64 8.72
C GLU A 83 -5.15 10.85 7.64
N ALA A 85 -5.77 7.60 6.80
CA ALA A 85 -6.62 6.63 6.12
C ALA A 85 -7.87 7.16 5.41
N TRP A 86 -8.23 8.42 5.60
CA TRP A 86 -9.57 8.85 5.18
C TRP A 86 -9.91 8.56 3.71
N LEU A 87 -9.00 8.84 2.77
CA LEU A 87 -9.36 8.65 1.37
C LEU A 87 -9.37 7.17 1.00
N GLU A 88 -8.48 6.38 1.58
CA GLU A 88 -8.51 4.93 1.40
C GLU A 88 -9.83 4.33 1.85
N ILE A 89 -10.35 4.83 2.96
CA ILE A 89 -11.60 4.32 3.51
C ILE A 89 -12.78 4.75 2.64
N LEU A 90 -12.77 5.98 2.13
CA LEU A 90 -13.79 6.41 1.17
C LEU A 90 -13.74 5.50 -0.04
N MET A 91 -12.54 5.34 -0.58
CA MET A 91 -12.36 4.55 -1.80
C MET A 91 -12.80 3.10 -1.69
N ILE A 92 -12.42 2.40 -0.61
CA ILE A 92 -12.85 1.02 -0.48
C ILE A 92 -14.38 0.93 -0.42
N GLY A 93 -15.01 1.92 0.21
CA GLY A 93 -16.46 1.99 0.28
C GLY A 93 -17.11 2.20 -1.08
N LEU A 94 -16.57 3.13 -1.86
CA LEU A 94 -17.01 3.34 -3.23
C LEU A 94 -16.89 2.07 -4.08
N VAL A 95 -15.73 1.43 -4.01
CA VAL A 95 -15.50 0.20 -4.77
C VAL A 95 -16.47 -0.89 -4.37
N TRP A 96 -16.71 -1.03 -3.07
CA TRP A 96 -17.70 -1.97 -2.57
C TRP A 96 -19.11 -1.66 -3.13
N ARG A 97 -19.54 -0.40 -3.05
CA ARG A 97 -20.85 0.00 -3.58
C ARG A 97 -20.99 -0.28 -5.07
N SER A 98 -19.86 -0.24 -5.79
CA SER A 98 -19.84 -0.28 -7.24
C SER A 98 -19.71 -1.68 -7.80
N MET A 99 -19.54 -2.65 -6.91
CA MET A 99 -19.19 -4.01 -7.29
C MET A 99 -20.18 -4.66 -8.26
N GLU A 100 -21.46 -4.38 -8.09
CA GLU A 100 -22.51 -4.95 -8.93
C GLU A 100 -22.86 -4.07 -10.11
N HIS A 101 -22.00 -3.09 -10.40
CA HIS A 101 -22.20 -2.20 -11.54
C HIS A 101 -20.96 -2.15 -12.41
N PRO A 102 -20.71 -3.22 -13.18
CA PRO A 102 -19.49 -3.30 -13.98
C PRO A 102 -19.33 -2.07 -14.86
N GLY A 103 -18.15 -1.45 -14.82
CA GLY A 103 -17.86 -0.28 -15.62
C GLY A 103 -18.39 1.02 -15.04
N LYS A 104 -19.00 0.96 -13.86
CA LYS A 104 -19.52 2.17 -13.24
C LYS A 104 -19.03 2.33 -11.80
N LEU A 105 -18.92 3.57 -11.36
CA LEU A 105 -18.67 3.88 -9.96
C LEU A 105 -19.92 4.47 -9.32
N LEU A 106 -20.43 3.80 -8.31
CA LEU A 106 -21.66 4.22 -7.66
C LEU A 106 -21.32 5.14 -6.51
N PHE A 107 -21.05 6.40 -6.81
CA PHE A 107 -20.78 7.38 -5.76
C PHE A 107 -21.98 7.45 -4.84
N ALA A 108 -23.15 7.40 -5.44
CA ALA A 108 -24.39 7.37 -4.69
C ALA A 108 -25.46 6.69 -5.55
N PRO A 109 -26.57 6.25 -4.94
CA PRO A 109 -27.59 5.56 -5.76
C PRO A 109 -28.08 6.43 -6.92
N ASN A 110 -28.03 7.75 -6.75
CA ASN A 110 -28.47 8.68 -7.80
C ASN A 110 -27.32 9.29 -8.58
N LEU A 111 -26.11 8.77 -8.37
CA LEU A 111 -24.93 9.27 -9.06
C LEU A 111 -23.99 8.11 -9.43
N LEU A 112 -24.26 7.51 -10.59
CA LEU A 112 -23.36 6.53 -11.19
C LEU A 112 -22.59 7.17 -12.33
N LEU A 113 -21.27 7.07 -12.30
CA LEU A 113 -20.45 7.65 -13.33
C LEU A 113 -19.58 6.58 -13.97
N ASP A 114 -19.36 6.69 -15.27
CA ASP A 114 -18.41 5.80 -15.94
C ASP A 114 -17.15 6.56 -16.30
N ARG A 115 -16.19 5.87 -16.90
CA ARG A 115 -14.89 6.48 -17.12
C ARG A 115 -14.97 7.70 -18.04
N ASN A 116 -15.86 7.64 -19.03
CA ASN A 116 -16.05 8.76 -19.94
C ASN A 116 -16.42 10.05 -19.20
N GLN A 117 -17.28 9.92 -18.19
CA GLN A 117 -17.67 11.09 -17.38
C GLN A 117 -16.50 11.52 -16.50
N GLY A 118 -15.60 10.58 -16.21
CA GLY A 118 -14.42 10.90 -15.42
C GLY A 118 -13.50 11.89 -16.11
N LYS A 119 -13.51 11.89 -17.44
CA LYS A 119 -12.66 12.79 -18.20
C LYS A 119 -13.12 14.25 -18.11
N VAL A 121 -13.14 15.91 -15.63
CA VAL A 121 -12.21 16.54 -14.72
C VAL A 121 -10.79 16.15 -15.09
N GLU A 122 -9.91 17.15 -15.19
CA GLU A 122 -8.52 16.92 -15.54
C GLU A 122 -7.86 15.99 -14.52
N GLY A 123 -7.16 14.97 -15.02
CA GLY A 123 -6.40 14.08 -14.17
C GLY A 123 -7.27 13.08 -13.43
N MET A 124 -8.58 13.09 -13.70
CA MET A 124 -9.48 12.21 -12.96
C MET A 124 -9.63 10.82 -13.56
N VAL A 125 -9.61 10.74 -14.88
CA VAL A 125 -9.89 9.46 -15.54
C VAL A 125 -8.95 8.34 -15.11
N GLU A 126 -7.67 8.68 -14.86
CA GLU A 126 -6.73 7.65 -14.41
C GLU A 126 -7.17 7.06 -13.07
N ILE A 127 -7.66 7.90 -12.18
CA ILE A 127 -8.15 7.45 -10.89
C ILE A 127 -9.42 6.61 -11.05
N PHE A 128 -10.32 7.04 -11.93
CA PHE A 128 -11.50 6.23 -12.19
C PHE A 128 -11.10 4.84 -12.60
N ASP A 129 -10.12 4.73 -13.50
CA ASP A 129 -9.73 3.44 -14.06
C ASP A 129 -9.22 2.50 -12.97
N MET A 130 -8.46 3.05 -12.02
CA MET A 130 -7.93 2.25 -10.93
C MET A 130 -9.05 1.77 -10.02
N LEU A 131 -10.02 2.64 -9.76
CA LEU A 131 -11.15 2.27 -8.91
C LEU A 131 -11.98 1.18 -9.59
N LEU A 132 -12.21 1.34 -10.90
CA LEU A 132 -12.98 0.34 -11.65
C LEU A 132 -12.28 -1.02 -11.67
N ALA A 133 -10.96 -0.99 -11.75
CA ALA A 133 -10.17 -2.21 -11.76
C ALA A 133 -10.29 -2.93 -10.41
N THR A 134 -10.27 -2.17 -9.32
CA THR A 134 -10.48 -2.71 -7.97
C THR A 134 -11.85 -3.35 -7.81
N SER A 135 -12.88 -2.66 -8.29
CA SER A 135 -14.24 -3.20 -8.24
CA SER A 135 -14.23 -3.21 -8.23
C SER A 135 -14.29 -4.53 -9.00
N SER A 136 -13.66 -4.56 -10.17
CA SER A 136 -13.59 -5.79 -10.96
C SER A 136 -12.91 -6.90 -10.16
N ARG A 137 -11.80 -6.57 -9.51
CA ARG A 137 -11.11 -7.54 -8.68
C ARG A 137 -12.01 -8.06 -7.57
N PHE A 138 -12.73 -7.16 -6.91
CA PHE A 138 -13.65 -7.55 -5.84
C PHE A 138 -14.66 -8.55 -6.39
N ARG A 139 -15.17 -8.26 -7.59
CA ARG A 139 -16.14 -9.12 -8.25
C ARG A 139 -15.54 -10.48 -8.59
N MET A 140 -14.34 -10.47 -9.18
CA MET A 140 -13.60 -11.70 -9.47
C MET A 140 -13.48 -12.59 -8.22
N MET A 141 -13.23 -11.97 -7.08
CA MET A 141 -13.02 -12.70 -5.82
C MET A 141 -14.32 -13.03 -5.10
N ASN A 142 -15.42 -12.44 -5.56
CA ASN A 142 -16.70 -12.59 -4.89
C ASN A 142 -16.59 -12.14 -3.43
N LEU A 143 -16.07 -10.94 -3.25
CA LEU A 143 -15.88 -10.41 -1.91
C LEU A 143 -17.19 -10.33 -1.14
N GLN A 144 -17.17 -10.82 0.10
CA GLN A 144 -18.36 -10.83 0.95
C GLN A 144 -18.43 -9.58 1.83
N GLY A 145 -19.64 -9.17 2.20
CA GLY A 145 -19.82 -8.00 3.05
C GLY A 145 -19.05 -8.08 4.37
N GLU A 146 -19.03 -9.28 4.95
CA GLU A 146 -18.31 -9.49 6.20
C GLU A 146 -16.81 -9.30 6.04
N GLU A 147 -16.28 -9.72 4.89
CA GLU A 147 -14.88 -9.51 4.56
C GLU A 147 -14.57 -8.03 4.33
N PHE A 148 -15.42 -7.38 3.55
CA PHE A 148 -15.31 -5.93 3.35
C PHE A 148 -15.23 -5.10 4.64
N VAL A 149 -16.09 -5.36 5.63
CA VAL A 149 -16.03 -4.53 6.85
C VAL A 149 -14.74 -4.81 7.64
N CYS A 150 -14.26 -6.04 7.62
CA CYS A 150 -12.96 -6.34 8.21
C CYS A 150 -11.83 -5.56 7.53
N LEU A 151 -11.80 -5.58 6.20
CA LEU A 151 -10.76 -4.87 5.46
C LEU A 151 -10.81 -3.38 5.69
N LYS A 152 -12.02 -2.81 5.78
CA LYS A 152 -12.12 -1.38 5.98
C LYS A 152 -11.56 -1.00 7.36
N SER A 153 -11.82 -1.82 8.37
CA SER A 153 -11.29 -1.56 9.71
C SER A 153 -9.77 -1.80 9.77
N ILE A 154 -9.30 -2.76 8.99
CA ILE A 154 -7.85 -2.95 8.85
C ILE A 154 -7.18 -1.70 8.31
N ILE A 155 -7.78 -1.05 7.31
CA ILE A 155 -7.23 0.19 6.76
C ILE A 155 -7.14 1.29 7.81
N LEU A 156 -8.23 1.49 8.55
CA LEU A 156 -8.25 2.50 9.58
C LEU A 156 -7.07 2.30 10.54
N LEU A 157 -6.86 1.07 10.98
CA LEU A 157 -5.86 0.78 12.02
C LEU A 157 -4.44 0.68 11.48
N ASN A 158 -4.30 0.23 10.24
CA ASN A 158 -2.97 0.01 9.65
C ASN A 158 -2.32 1.19 8.95
N SER A 159 -3.10 1.99 8.24
CA SER A 159 -2.48 2.92 7.31
C SER A 159 -1.53 3.94 7.94
N GLY A 160 -1.80 4.35 9.18
CA GLY A 160 -0.95 5.35 9.80
C GLY A 160 -0.09 4.77 10.91
N VAL A 161 -0.12 3.46 11.07
CA VAL A 161 0.51 2.86 12.24
C VAL A 161 2.03 3.04 12.22
N TYR A 162 2.62 3.27 11.05
CA TYR A 162 4.09 3.45 10.96
C TYR A 162 4.55 4.88 10.75
N THR A 163 3.63 5.83 10.83
CA THR A 163 4.00 7.24 10.69
C THR A 163 3.66 8.04 11.94
N PHE A 164 3.47 7.34 13.06
CA PHE A 164 3.22 7.98 14.35
C PHE A 164 4.43 8.83 14.77
N SER A 167 7.58 9.70 19.82
CA SER A 167 7.62 10.62 20.95
C SER A 167 8.46 10.05 22.09
N THR A 168 7.92 9.00 22.72
CA THR A 168 8.54 8.40 23.89
C THR A 168 8.30 6.90 23.83
N LEU A 169 8.91 6.17 24.77
CA LEU A 169 8.73 4.71 24.83
C LEU A 169 7.27 4.34 25.08
N LYS A 170 6.51 5.26 25.64
CA LYS A 170 5.09 5.03 25.93
C LYS A 170 4.24 5.13 24.66
N SER A 171 4.57 6.09 23.80
CA SER A 171 3.87 6.25 22.53
C SER A 171 3.96 4.95 21.73
N LEU A 172 4.94 4.12 22.07
CA LEU A 172 5.12 2.83 21.41
C LEU A 172 4.09 1.80 21.88
N GLU A 173 3.67 1.90 23.14
CA GLU A 173 2.64 1.00 23.67
C GLU A 173 1.32 1.24 22.96
N GLU A 174 1.11 2.49 22.56
CA GLU A 174 -0.07 2.86 21.80
C GLU A 174 -0.12 2.09 20.48
N LYS A 175 1.06 1.89 19.88
CA LYS A 175 1.16 1.12 18.65
C LYS A 175 0.91 -0.37 18.88
N ASP A 176 1.29 -0.86 20.06
CA ASP A 176 1.15 -2.28 20.38
CA ASP A 176 1.16 -2.28 20.37
C ASP A 176 -0.31 -2.71 20.46
N HIS A 177 -1.15 -1.83 20.99
CA HIS A 177 -2.57 -2.14 21.10
C HIS A 177 -3.18 -2.30 19.70
N ILE A 178 -2.80 -1.42 18.79
CA ILE A 178 -3.27 -1.46 17.42
C ILE A 178 -2.92 -2.81 16.77
N HIS A 179 -1.70 -3.29 17.00
CA HIS A 179 -1.28 -4.55 16.39
C HIS A 179 -2.07 -5.73 16.92
N ARG A 180 -2.43 -5.68 18.20
CA ARG A 180 -3.25 -6.74 18.79
C ARG A 180 -4.66 -6.78 18.20
N VAL A 181 -5.22 -5.60 17.94
CA VAL A 181 -6.55 -5.50 17.35
C VAL A 181 -6.49 -5.96 15.91
N LEU A 182 -5.43 -5.56 15.20
CA LEU A 182 -5.21 -6.04 13.84
C LEU A 182 -5.19 -7.56 13.79
N ASP A 183 -4.48 -8.17 14.74
CA ASP A 183 -4.41 -9.63 14.80
C ASP A 183 -5.80 -10.25 15.03
N LYS A 184 -6.62 -9.59 15.86
CA LYS A 184 -8.00 -10.07 16.07
C LYS A 184 -8.81 -10.03 14.78
N ILE A 185 -8.64 -9.00 13.99
CA ILE A 185 -9.38 -8.91 12.73
C ILE A 185 -8.89 -9.98 11.74
N THR A 186 -7.59 -10.25 11.73
CA THR A 186 -7.08 -11.37 10.95
C THR A 186 -7.75 -12.67 11.38
N ASP A 187 -7.81 -12.90 12.69
CA ASP A 187 -8.44 -14.11 13.21
C ASP A 187 -9.87 -14.18 12.69
N THR A 188 -10.52 -13.02 12.66
CA THR A 188 -11.90 -12.92 12.21
C THR A 188 -12.06 -13.25 10.73
N LEU A 189 -11.17 -12.72 9.89
CA LEU A 189 -11.18 -13.05 8.47
C LEU A 189 -11.02 -14.54 8.22
N ILE A 190 -10.08 -15.16 8.93
CA ILE A 190 -9.86 -16.60 8.77
C ILE A 190 -11.11 -17.37 9.22
N HIS A 191 -11.71 -16.91 10.32
CA HIS A 191 -12.93 -17.51 10.84
C HIS A 191 -14.05 -17.52 9.78
N LEU A 192 -14.27 -16.37 9.14
CA LEU A 192 -15.25 -16.26 8.06
C LEU A 192 -14.99 -17.23 6.90
N MET A 193 -13.74 -17.34 6.50
CA MET A 193 -13.37 -18.20 5.39
C MET A 193 -13.55 -19.67 5.75
N ALA A 194 -13.16 -20.03 6.97
CA ALA A 194 -13.34 -21.40 7.44
C ALA A 194 -14.84 -21.74 7.47
N LYS A 195 -15.64 -20.80 7.93
CA LYS A 195 -17.10 -20.98 7.94
C LYS A 195 -17.68 -21.11 6.52
N ALA A 196 -17.01 -20.52 5.55
CA ALA A 196 -17.48 -20.59 4.16
C ALA A 196 -17.04 -21.87 3.47
N GLY A 197 -16.39 -22.77 4.21
CA GLY A 197 -16.02 -24.07 3.68
C GLY A 197 -14.67 -24.13 3.02
N LEU A 198 -13.90 -23.06 3.13
CA LEU A 198 -12.57 -23.03 2.51
C LEU A 198 -11.61 -23.95 3.24
N THR A 199 -10.73 -24.58 2.50
CA THR A 199 -9.64 -25.37 3.07
C THR A 199 -8.59 -24.44 3.69
N LEU A 200 -7.75 -24.98 4.56
CA LEU A 200 -6.67 -24.21 5.15
C LEU A 200 -5.82 -23.48 4.11
N GLN A 201 -5.46 -24.20 3.05
CA GLN A 201 -4.67 -23.61 1.98
C GLN A 201 -5.42 -22.46 1.29
N GLN A 202 -6.72 -22.65 1.05
CA GLN A 202 -7.55 -21.62 0.43
C GLN A 202 -7.76 -20.41 1.34
N GLN A 203 -7.82 -20.64 2.64
CA GLN A 203 -7.93 -19.58 3.62
C GLN A 203 -6.71 -18.66 3.59
N HIS A 204 -5.52 -19.25 3.60
N HIS A 204 -5.51 -19.23 3.60
CA HIS A 204 -4.30 -18.46 3.60
CA HIS A 204 -4.32 -18.38 3.61
C HIS A 204 -4.17 -17.71 2.29
C HIS A 204 -4.10 -17.70 2.27
N GLN A 205 -4.48 -18.38 1.19
CA GLN A 205 -4.42 -17.78 -0.13
C GLN A 205 -5.38 -16.59 -0.26
N ARG A 206 -6.60 -16.76 0.22
CA ARG A 206 -7.60 -15.69 0.11
C ARG A 206 -7.25 -14.52 1.02
N LEU A 207 -6.80 -14.82 2.23
CA LEU A 207 -6.34 -13.77 3.14
C LEU A 207 -5.27 -12.93 2.48
N ALA A 208 -4.32 -13.57 1.81
CA ALA A 208 -3.27 -12.84 1.11
C ALA A 208 -3.83 -12.00 -0.02
N GLN A 209 -4.70 -12.59 -0.82
CA GLN A 209 -5.30 -11.91 -1.95
C GLN A 209 -5.99 -10.63 -1.47
N LEU A 210 -6.71 -10.74 -0.36
CA LEU A 210 -7.47 -9.62 0.19
C LEU A 210 -6.55 -8.53 0.73
N LEU A 211 -5.51 -8.94 1.46
CA LEU A 211 -4.61 -7.94 2.03
C LEU A 211 -3.75 -7.27 0.97
N LEU A 212 -3.44 -7.99 -0.10
CA LEU A 212 -2.65 -7.37 -1.17
C LEU A 212 -3.42 -6.26 -1.88
N ILE A 213 -4.74 -6.34 -1.90
CA ILE A 213 -5.52 -5.26 -2.50
C ILE A 213 -5.33 -3.94 -1.73
N LEU A 214 -5.03 -4.05 -0.43
CA LEU A 214 -4.80 -2.85 0.37
C LEU A 214 -3.62 -2.03 -0.16
N SER A 215 -2.67 -2.69 -0.79
CA SER A 215 -1.56 -1.98 -1.39
C SER A 215 -2.03 -1.12 -2.56
N HIS A 216 -2.95 -1.65 -3.35
CA HIS A 216 -3.48 -0.91 -4.49
CA HIS A 216 -3.46 -0.90 -4.48
C HIS A 216 -4.36 0.25 -4.01
N ILE A 217 -5.09 0.03 -2.93
CA ILE A 217 -5.92 1.08 -2.35
C ILE A 217 -5.04 2.23 -1.81
N ARG A 218 -3.94 1.88 -1.16
CA ARG A 218 -2.98 2.91 -0.76
C ARG A 218 -2.53 3.72 -1.97
N HIS A 219 -2.20 3.04 -3.05
CA HIS A 219 -1.71 3.71 -4.24
C HIS A 219 -2.75 4.70 -4.80
N MET A 220 -3.99 4.25 -4.89
CA MET A 220 -5.07 5.08 -5.40
C MET A 220 -5.25 6.31 -4.51
N SER A 221 -5.18 6.10 -3.21
CA SER A 221 -5.33 7.19 -2.26
C SER A 221 -4.17 8.19 -2.43
N ASN A 222 -2.95 7.69 -2.58
CA ASN A 222 -1.82 8.59 -2.83
C ASN A 222 -2.04 9.43 -4.09
N LYS A 223 -2.42 8.78 -5.19
CA LYS A 223 -2.70 9.48 -6.43
C LYS A 223 -3.86 10.47 -6.26
N GLY A 224 -4.92 10.05 -5.56
CA GLY A 224 -6.07 10.92 -5.32
C GLY A 224 -5.71 12.15 -4.50
N MET A 225 -4.79 11.98 -3.54
CA MET A 225 -4.38 13.09 -2.70
C MET A 225 -3.66 14.16 -3.52
N GLU A 226 -2.80 13.73 -4.45
CA GLU A 226 -2.14 14.66 -5.35
C GLU A 226 -3.15 15.32 -6.29
N HIS A 227 -4.14 14.56 -6.74
CA HIS A 227 -5.21 15.15 -7.53
C HIS A 227 -5.96 16.26 -6.76
N LEU A 228 -6.29 15.98 -5.50
CA LEU A 228 -7.04 16.94 -4.70
C LEU A 228 -6.24 18.20 -4.48
N TYR A 229 -4.94 18.02 -4.26
CA TYR A 229 -4.03 19.15 -4.07
C TYR A 229 -4.03 20.07 -5.29
N SER A 230 -3.97 19.47 -6.48
CA SER A 230 -3.99 20.25 -7.71
C SER A 230 -5.34 20.96 -7.92
N MET A 231 -6.42 20.30 -7.52
CA MET A 231 -7.74 20.94 -7.59
C MET A 231 -7.77 22.17 -6.68
N LYS A 232 -7.23 22.02 -5.48
CA LYS A 232 -7.11 23.14 -4.56
C LYS A 232 -6.30 24.28 -5.16
N CYS A 233 -5.19 23.96 -5.82
CA CYS A 233 -4.34 24.99 -6.40
C CYS A 233 -5.03 25.66 -7.58
N LYS A 234 -5.72 24.86 -8.40
CA LYS A 234 -6.44 25.39 -9.54
C LYS A 234 -7.64 26.23 -9.09
N ASN A 235 -8.16 25.93 -7.90
CA ASN A 235 -9.23 26.71 -7.29
C ASN A 235 -10.49 26.89 -8.13
N VAL A 236 -10.94 25.84 -8.79
CA VAL A 236 -12.15 25.90 -9.60
C VAL A 236 -13.37 25.34 -8.86
N VAL A 237 -13.12 24.63 -7.76
CA VAL A 237 -14.20 24.19 -6.88
C VAL A 237 -13.78 24.43 -5.43
N PRO A 238 -14.59 25.21 -4.68
CA PRO A 238 -14.29 25.48 -3.27
C PRO A 238 -14.29 24.19 -2.45
N LEU A 239 -13.43 24.10 -1.45
CA LEU A 239 -13.29 22.88 -0.68
C LEU A 239 -13.73 23.06 0.77
N SER A 240 -14.48 22.09 1.28
CA SER A 240 -14.92 22.14 2.66
C SER A 240 -13.71 22.27 3.57
N ASP A 241 -13.87 22.97 4.68
CA ASP A 241 -12.78 23.16 5.63
C ASP A 241 -12.23 21.83 6.14
N LEU A 242 -13.11 20.87 6.38
CA LEU A 242 -12.68 19.55 6.80
C LEU A 242 -11.77 18.92 5.75
N LEU A 243 -12.18 19.00 4.49
CA LEU A 243 -11.43 18.39 3.40
C LEU A 243 -10.05 19.03 3.26
N LEU A 244 -10.00 20.36 3.38
CA LEU A 244 -8.74 21.10 3.35
C LEU A 244 -7.79 20.71 4.47
N GLU A 245 -8.31 20.56 5.68
CA GLU A 245 -7.48 20.14 6.80
C GLU A 245 -6.97 18.71 6.63
N MET A 246 -7.81 17.84 6.06
CA MET A 246 -7.42 16.48 5.77
C MET A 246 -6.28 16.47 4.76
N LEU A 247 -6.45 17.25 3.69
CA LEU A 247 -5.41 17.38 2.68
C LEU A 247 -4.13 17.92 3.29
N ASP A 248 -4.29 18.90 4.17
CA ASP A 248 -3.17 19.57 4.82
C ASP A 248 -2.36 18.61 5.69
N ALA A 249 -3.02 17.61 6.25
CA ALA A 249 -2.34 16.63 7.10
C ALA A 249 -1.38 15.77 6.27
N HIS A 250 -1.64 15.68 4.97
CA HIS A 250 -0.78 14.89 4.09
C HIS A 250 0.40 15.71 3.57
N ARG A 251 0.35 17.02 3.81
CA ARG A 251 1.44 17.92 3.43
C ARG A 251 1.81 17.77 1.96
N LYS B 6 2.35 -23.13 -22.96
CA LYS B 6 1.53 -22.17 -22.23
C LYS B 6 1.69 -22.34 -20.71
N ASN B 7 1.72 -23.59 -20.25
CA ASN B 7 1.83 -23.86 -18.82
C ASN B 7 3.19 -23.47 -18.23
N SER B 8 3.14 -22.70 -17.14
CA SER B 8 4.34 -22.18 -16.48
C SER B 8 5.00 -23.19 -15.54
N LEU B 9 6.32 -23.35 -15.65
CA LEU B 9 7.05 -24.23 -14.74
C LEU B 9 6.95 -23.78 -13.28
N ALA B 10 6.69 -22.50 -13.09
CA ALA B 10 6.60 -21.94 -11.73
C ALA B 10 5.58 -22.67 -10.87
N LEU B 11 4.44 -23.00 -11.45
CA LEU B 11 3.36 -23.59 -10.66
C LEU B 11 3.67 -25.02 -10.22
N SER B 12 4.65 -25.65 -10.87
CA SER B 12 4.98 -27.04 -10.56
C SER B 12 6.04 -27.17 -9.47
N LEU B 13 6.57 -26.04 -9.01
CA LEU B 13 7.60 -26.06 -7.99
C LEU B 13 7.04 -26.36 -6.61
N THR B 14 7.81 -27.08 -5.80
CA THR B 14 7.48 -27.27 -4.40
C THR B 14 7.89 -26.01 -3.63
N ALA B 15 7.52 -25.95 -2.36
CA ALA B 15 7.88 -24.80 -1.53
C ALA B 15 9.40 -24.68 -1.41
N ASP B 16 10.10 -25.79 -1.23
CA ASP B 16 11.55 -25.76 -1.10
C ASP B 16 12.22 -25.30 -2.39
N GLN B 17 11.70 -25.76 -3.52
CA GLN B 17 12.20 -25.31 -4.81
C GLN B 17 11.97 -23.82 -5.03
N MET B 18 10.80 -23.33 -4.62
CA MET B 18 10.52 -21.89 -4.69
C MET B 18 11.52 -21.09 -3.84
N VAL B 19 11.67 -21.46 -2.58
CA VAL B 19 12.61 -20.80 -1.68
C VAL B 19 14.03 -20.79 -2.25
N SER B 20 14.48 -21.95 -2.74
CA SER B 20 15.83 -22.06 -3.27
CA SER B 20 15.82 -22.09 -3.30
C SER B 20 16.01 -21.24 -4.55
N ALA B 21 14.98 -21.20 -5.40
CA ALA B 21 15.07 -20.39 -6.61
C ALA B 21 15.22 -18.90 -6.26
N LEU B 22 14.44 -18.43 -5.30
CA LEU B 22 14.47 -17.02 -4.90
C LEU B 22 15.79 -16.63 -4.22
N LEU B 23 16.28 -17.48 -3.33
CA LEU B 23 17.56 -17.20 -2.66
C LEU B 23 18.68 -17.14 -3.69
N ASP B 24 18.67 -18.08 -4.63
CA ASP B 24 19.69 -18.12 -5.68
C ASP B 24 19.65 -16.89 -6.58
N ALA B 25 18.46 -16.30 -6.70
CA ALA B 25 18.24 -15.18 -7.61
C ALA B 25 18.70 -13.84 -7.03
N GLU B 26 18.95 -13.82 -5.72
CA GLU B 26 19.26 -12.58 -5.00
C GLU B 26 20.40 -11.79 -5.65
N PRO B 27 20.18 -10.49 -5.88
CA PRO B 27 21.25 -9.63 -6.39
C PRO B 27 22.28 -9.33 -5.31
N PRO B 28 23.47 -8.88 -5.71
CA PRO B 28 24.54 -8.62 -4.73
C PRO B 28 24.35 -7.29 -4.03
N ILE B 29 24.99 -7.14 -2.89
CA ILE B 29 25.11 -5.85 -2.21
C ILE B 29 26.23 -5.06 -2.84
N LEU B 30 25.91 -3.85 -3.30
CA LEU B 30 26.88 -3.02 -4.01
C LEU B 30 27.50 -1.99 -3.08
N TYR B 31 28.61 -1.43 -3.51
CA TYR B 31 29.29 -0.34 -2.82
C TYR B 31 29.02 1.02 -3.44
N SER B 32 29.12 2.05 -2.61
CA SER B 32 29.19 3.44 -3.07
C SER B 32 30.66 3.85 -3.22
N GLU B 33 30.90 5.12 -3.53
CA GLU B 33 32.26 5.66 -3.67
C GLU B 33 33.09 5.57 -2.39
N TYR B 34 34.41 5.47 -2.52
CA TYR B 34 35.27 5.37 -1.34
C TYR B 34 35.70 6.72 -0.75
N ASP B 35 35.22 7.81 -1.32
CA ASP B 35 35.56 9.15 -0.84
C ASP B 35 34.96 9.43 0.53
N PRO B 36 35.83 9.68 1.53
CA PRO B 36 35.43 9.89 2.92
C PRO B 36 35.05 11.34 3.26
N THR B 37 34.82 12.17 2.24
CA THR B 37 34.49 13.58 2.46
C THR B 37 33.14 13.79 3.14
N ARG B 38 33.16 14.34 4.35
CA ARG B 38 31.95 14.62 5.11
C ARG B 38 31.97 16.05 5.64
N PRO B 39 30.79 16.66 5.81
CA PRO B 39 29.48 16.07 5.52
C PRO B 39 29.13 16.12 4.02
N PHE B 40 27.92 15.70 3.67
CA PHE B 40 27.48 15.76 2.28
C PHE B 40 26.83 17.10 1.97
N SER B 41 26.73 17.40 0.68
CA SER B 41 25.83 18.44 0.21
C SER B 41 24.57 17.75 -0.34
N GLU B 42 23.55 18.52 -0.64
CA GLU B 42 22.35 17.97 -1.25
C GLU B 42 22.69 17.35 -2.61
N ALA B 43 23.47 18.06 -3.40
CA ALA B 43 23.90 17.56 -4.70
C ALA B 43 24.74 16.27 -4.59
N SER B 44 25.71 16.25 -3.68
CA SER B 44 26.60 15.07 -3.58
C SER B 44 25.90 13.85 -2.96
N MET B 45 25.05 14.08 -1.97
CA MET B 45 24.30 12.96 -1.43
C MET B 45 23.37 12.36 -2.48
N MET B 46 22.63 13.22 -3.19
CA MET B 46 21.71 12.74 -4.21
C MET B 46 22.45 12.08 -5.36
N GLY B 47 23.65 12.58 -5.64
CA GLY B 47 24.52 12.00 -6.64
C GLY B 47 24.85 10.56 -6.29
N LEU B 48 25.31 10.34 -5.07
CA LEU B 48 25.63 8.98 -4.61
C LEU B 48 24.40 8.07 -4.60
N LEU B 49 23.27 8.59 -4.14
CA LEU B 49 22.08 7.76 -4.06
C LEU B 49 21.51 7.38 -5.42
N THR B 50 21.48 8.34 -6.35
CA THR B 50 20.90 8.07 -7.66
C THR B 50 21.85 7.18 -8.46
N ASN B 51 23.15 7.36 -8.25
CA ASN B 51 24.13 6.47 -8.90
C ASN B 51 23.97 5.02 -8.45
N LEU B 52 23.80 4.85 -7.15
CA LEU B 52 23.54 3.55 -6.54
C LEU B 52 22.21 2.96 -6.98
N ALA B 53 21.18 3.80 -7.06
CA ALA B 53 19.87 3.33 -7.54
C ALA B 53 19.99 2.79 -8.96
N ASP B 54 20.72 3.50 -9.81
CA ASP B 54 20.92 3.10 -11.19
C ASP B 54 21.62 1.74 -11.27
N ARG B 55 22.67 1.55 -10.49
CA ARG B 55 23.39 0.27 -10.52
C ARG B 55 22.55 -0.88 -9.95
N GLU B 56 21.81 -0.64 -8.85
CA GLU B 56 20.96 -1.67 -8.28
C GLU B 56 19.85 -2.07 -9.26
N LEU B 57 19.38 -1.09 -10.04
CA LEU B 57 18.30 -1.35 -10.98
C LEU B 57 18.74 -2.34 -12.05
N VAL B 58 19.98 -2.23 -12.50
CA VAL B 58 20.46 -3.17 -13.50
C VAL B 58 20.41 -4.59 -12.94
N HIS B 59 20.86 -4.78 -11.70
CA HIS B 59 20.81 -6.10 -11.07
C HIS B 59 19.38 -6.53 -10.79
N MET B 60 18.50 -5.56 -10.52
CA MET B 60 17.10 -5.89 -10.27
C MET B 60 16.44 -6.51 -11.51
N ILE B 61 16.72 -5.94 -12.68
CA ILE B 61 16.09 -6.43 -13.89
C ILE B 61 16.55 -7.86 -14.15
N ASN B 62 17.79 -8.16 -13.81
CA ASN B 62 18.26 -9.53 -13.95
C ASN B 62 17.76 -10.49 -12.88
N TRP B 63 17.56 -9.98 -11.67
CA TRP B 63 16.91 -10.74 -10.60
C TRP B 63 15.47 -11.12 -10.99
N ALA B 64 14.75 -10.16 -11.55
CA ALA B 64 13.33 -10.36 -11.87
C ALA B 64 13.17 -11.49 -12.89
N LYS B 65 14.08 -11.54 -13.86
CA LYS B 65 14.09 -12.59 -14.87
C LYS B 65 14.22 -13.99 -14.25
N ARG B 66 14.72 -14.04 -13.03
CA ARG B 66 14.91 -15.29 -12.33
C ARG B 66 13.83 -15.62 -11.28
N VAL B 67 12.87 -14.72 -11.11
CA VAL B 67 11.75 -15.02 -10.21
C VAL B 67 10.78 -15.97 -10.93
N PRO B 68 10.54 -17.15 -10.35
CA PRO B 68 9.73 -18.13 -11.08
C PRO B 68 8.43 -17.55 -11.58
N GLY B 69 8.17 -17.73 -12.87
CA GLY B 69 6.92 -17.29 -13.48
C GLY B 69 7.00 -15.95 -14.17
N PHE B 70 8.03 -15.16 -13.84
CA PHE B 70 8.14 -13.82 -14.39
C PHE B 70 8.39 -13.83 -15.89
N VAL B 71 9.29 -14.69 -16.36
CA VAL B 71 9.62 -14.68 -17.78
C VAL B 71 8.56 -15.40 -18.63
N ASP B 72 7.58 -16.01 -17.96
CA ASP B 72 6.44 -16.58 -18.68
C ASP B 72 5.50 -15.49 -19.20
N LEU B 73 5.60 -14.29 -18.62
CA LEU B 73 4.80 -13.16 -19.07
C LEU B 73 5.36 -12.63 -20.37
N THR B 74 4.54 -11.87 -21.10
CA THR B 74 5.04 -11.17 -22.27
C THR B 74 6.04 -10.11 -21.84
N LEU B 75 6.90 -9.71 -22.77
CA LEU B 75 7.84 -8.63 -22.50
C LEU B 75 7.09 -7.42 -21.96
N HIS B 76 5.95 -7.09 -22.58
CA HIS B 76 5.24 -5.87 -22.21
C HIS B 76 4.72 -5.92 -20.78
N ASP B 77 4.26 -7.09 -20.34
CA ASP B 77 3.79 -7.27 -18.97
C ASP B 77 4.96 -7.24 -17.98
N GLN B 78 6.12 -7.75 -18.41
CA GLN B 78 7.32 -7.67 -17.59
C GLN B 78 7.71 -6.20 -17.38
N VAL B 79 7.60 -5.42 -18.44
CA VAL B 79 7.94 -4.00 -18.39
C VAL B 79 7.00 -3.26 -17.46
N HIS B 80 5.70 -3.49 -17.64
CA HIS B 80 4.71 -2.86 -16.77
C HIS B 80 4.98 -3.16 -15.29
N LEU B 81 5.17 -4.42 -14.95
CA LEU B 81 5.38 -4.79 -13.56
C LEU B 81 6.60 -4.11 -12.95
N LEU B 82 7.70 -4.07 -13.70
CA LEU B 82 8.92 -3.45 -13.20
C LEU B 82 8.78 -1.95 -13.09
N GLU B 83 8.16 -1.33 -14.08
CA GLU B 83 7.96 0.12 -14.03
C GLU B 83 7.12 0.50 -12.79
N ALA B 85 6.77 -1.32 -9.92
CA ALA B 85 7.35 -1.76 -8.65
C ALA B 85 8.78 -1.35 -8.32
N TRP B 86 9.50 -0.77 -9.28
CA TRP B 86 10.95 -0.61 -9.10
C TRP B 86 11.36 0.08 -7.78
N LEU B 87 10.73 1.19 -7.42
CA LEU B 87 11.18 1.87 -6.21
C LEU B 87 10.80 1.11 -4.93
N GLU B 88 9.64 0.45 -4.95
CA GLU B 88 9.24 -0.41 -3.84
C GLU B 88 10.24 -1.54 -3.62
N ILE B 89 10.71 -2.12 -4.71
CA ILE B 89 11.69 -3.20 -4.65
C ILE B 89 13.04 -2.70 -4.12
N LEU B 90 13.48 -1.52 -4.57
CA LEU B 90 14.71 -0.93 -4.02
C LEU B 90 14.57 -0.68 -2.52
N MET B 91 13.41 -0.16 -2.13
CA MET B 91 13.16 0.19 -0.75
C MET B 91 13.08 -1.01 0.17
N ILE B 92 12.43 -2.08 -0.25
CA ILE B 92 12.36 -3.24 0.64
C ILE B 92 13.75 -3.82 0.83
N GLY B 93 14.53 -3.83 -0.24
CA GLY B 93 15.92 -4.27 -0.19
C GLY B 93 16.75 -3.42 0.78
N LEU B 94 16.63 -2.10 0.68
CA LEU B 94 17.32 -1.19 1.60
C LEU B 94 16.93 -1.46 3.05
N VAL B 95 15.62 -1.56 3.30
CA VAL B 95 15.13 -1.82 4.63
C VAL B 95 15.65 -3.14 5.21
N TRP B 96 15.70 -4.17 4.38
CA TRP B 96 16.25 -5.46 4.77
C TRP B 96 17.74 -5.34 5.15
N ARG B 97 18.52 -4.66 4.31
CA ARG B 97 19.96 -4.47 4.57
C ARG B 97 20.21 -3.70 5.87
N SER B 98 19.28 -2.82 6.21
CA SER B 98 19.41 -1.90 7.34
C SER B 98 18.92 -2.50 8.66
N MET B 99 18.37 -3.70 8.57
CA MET B 99 17.62 -4.23 9.70
C MET B 99 18.50 -4.38 10.96
N GLU B 100 19.73 -4.81 10.77
CA GLU B 100 20.64 -5.04 11.90
C GLU B 100 21.34 -3.76 12.35
N HIS B 101 20.97 -2.64 11.73
CA HIS B 101 21.53 -1.34 12.10
C HIS B 101 20.45 -0.35 12.53
N PRO B 102 19.86 -0.57 13.73
CA PRO B 102 18.84 0.33 14.26
C PRO B 102 19.25 1.79 14.08
N GLY B 103 18.37 2.61 13.52
CA GLY B 103 18.63 4.03 13.35
C GLY B 103 19.39 4.44 12.10
N LYS B 104 19.83 3.49 11.30
CA LYS B 104 20.60 3.82 10.10
C LYS B 104 20.03 3.15 8.87
N LEU B 105 20.25 3.76 7.71
CA LEU B 105 19.95 3.13 6.42
C LEU B 105 21.25 2.70 5.74
N LEU B 106 21.40 1.40 5.57
CA LEU B 106 22.59 0.84 4.94
C LEU B 106 22.40 0.83 3.43
N PHE B 107 22.59 1.99 2.80
CA PHE B 107 22.49 2.10 1.35
C PHE B 107 23.56 1.22 0.72
N ALA B 108 24.77 1.30 1.28
CA ALA B 108 25.87 0.41 0.92
C ALA B 108 26.68 0.17 2.20
N PRO B 109 27.51 -0.87 2.22
CA PRO B 109 28.32 -1.12 3.41
C PRO B 109 29.19 0.09 3.76
N ASN B 110 29.57 0.89 2.76
CA ASN B 110 30.34 2.11 2.97
C ASN B 110 29.49 3.37 2.78
N LEU B 111 28.17 3.22 2.92
CA LEU B 111 27.30 4.37 2.89
C LEU B 111 26.12 4.10 3.83
N LEU B 112 26.41 4.17 5.12
CA LEU B 112 25.42 3.92 6.15
C LEU B 112 25.02 5.27 6.74
N LEU B 113 23.78 5.68 6.48
CA LEU B 113 23.31 7.03 6.83
C LEU B 113 22.26 7.04 7.94
N ASP B 114 22.24 8.11 8.73
CA ASP B 114 21.20 8.30 9.75
C ASP B 114 20.24 9.40 9.31
N ARG B 115 19.18 9.65 10.10
CA ARG B 115 18.16 10.58 9.66
C ARG B 115 18.66 12.01 9.58
N ASN B 116 19.65 12.34 10.41
CA ASN B 116 20.22 13.68 10.37
C ASN B 116 20.84 13.96 9.02
N GLN B 117 21.50 12.95 8.47
CA GLN B 117 22.09 13.05 7.14
C GLN B 117 21.01 13.15 6.08
N GLY B 118 19.84 12.58 6.38
CA GLY B 118 18.69 12.72 5.51
C GLY B 118 18.34 14.19 5.31
N LYS B 119 18.47 14.98 6.36
CA LYS B 119 18.16 16.41 6.30
C LYS B 119 19.02 17.16 5.28
N VAL B 121 19.22 16.69 2.34
CA VAL B 121 18.46 16.81 1.11
C VAL B 121 17.04 17.29 1.39
N GLU B 122 16.61 18.31 0.64
CA GLU B 122 15.27 18.84 0.79
C GLU B 122 14.21 17.76 0.57
N GLY B 123 13.29 17.63 1.52
CA GLY B 123 12.19 16.68 1.41
C GLY B 123 12.56 15.24 1.71
N MET B 124 13.82 15.01 2.10
CA MET B 124 14.33 13.65 2.21
C MET B 124 14.18 13.03 3.60
N VAL B 125 14.29 13.85 4.65
CA VAL B 125 14.25 13.31 6.01
C VAL B 125 12.95 12.55 6.28
N GLU B 126 11.85 13.01 5.67
CA GLU B 126 10.55 12.38 5.86
C GLU B 126 10.58 10.94 5.35
N ILE B 127 11.26 10.76 4.23
CA ILE B 127 11.35 9.45 3.62
C ILE B 127 12.26 8.55 4.45
N PHE B 128 13.39 9.10 4.89
CA PHE B 128 14.29 8.38 5.77
C PHE B 128 13.49 7.85 6.95
N ASP B 129 12.70 8.73 7.58
CA ASP B 129 11.96 8.34 8.77
C ASP B 129 11.02 7.18 8.51
N MET B 130 10.34 7.20 7.38
CA MET B 130 9.47 6.09 7.00
C MET B 130 10.24 4.79 6.81
N LEU B 131 11.40 4.87 6.15
CA LEU B 131 12.20 3.69 5.90
C LEU B 131 12.74 3.12 7.22
N LEU B 132 13.22 4.01 8.08
CA LEU B 132 13.71 3.62 9.39
C LEU B 132 12.64 2.90 10.23
N ALA B 133 11.42 3.40 10.17
CA ALA B 133 10.29 2.76 10.86
C ALA B 133 10.03 1.35 10.34
N THR B 134 10.11 1.20 9.01
CA THR B 134 9.89 -0.09 8.37
C THR B 134 11.00 -1.05 8.78
N SER B 135 12.23 -0.56 8.79
CA SER B 135 13.35 -1.37 9.22
C SER B 135 13.16 -1.84 10.66
N SER B 136 12.79 -0.92 11.54
CA SER B 136 12.56 -1.27 12.93
C SER B 136 11.46 -2.32 13.07
N ARG B 137 10.39 -2.17 12.29
CA ARG B 137 9.28 -3.13 12.33
C ARG B 137 9.74 -4.53 11.93
N PHE B 138 10.50 -4.61 10.84
CA PHE B 138 11.03 -5.89 10.39
C PHE B 138 11.95 -6.50 11.45
N ARG B 139 12.80 -5.67 12.04
CA ARG B 139 13.71 -6.16 13.06
C ARG B 139 12.91 -6.72 14.24
N MET B 140 11.94 -5.96 14.73
CA MET B 140 11.09 -6.43 15.82
C MET B 140 10.26 -7.67 15.50
N MET B 141 10.00 -7.95 14.22
CA MET B 141 9.26 -9.16 13.82
C MET B 141 10.22 -10.32 13.56
N ASN B 142 11.52 -10.06 13.68
CA ASN B 142 12.52 -11.06 13.38
CA ASN B 142 12.51 -11.08 13.39
C ASN B 142 12.36 -11.62 11.97
N LEU B 143 12.17 -10.73 11.00
CA LEU B 143 12.07 -11.14 9.60
C LEU B 143 13.27 -12.00 9.18
N GLN B 144 12.97 -13.12 8.52
CA GLN B 144 14.00 -14.03 8.05
C GLN B 144 14.26 -13.78 6.58
N GLY B 145 15.47 -14.08 6.13
CA GLY B 145 15.84 -13.86 4.73
C GLY B 145 14.92 -14.58 3.76
N GLU B 146 14.47 -15.77 4.14
CA GLU B 146 13.59 -16.57 3.30
C GLU B 146 12.22 -15.89 3.16
N GLU B 147 11.75 -15.25 4.22
CA GLU B 147 10.50 -14.50 4.16
C GLU B 147 10.69 -13.24 3.35
N PHE B 148 11.84 -12.58 3.51
CA PHE B 148 12.14 -11.38 2.77
C PHE B 148 12.12 -11.60 1.25
N VAL B 149 12.76 -12.66 0.79
CA VAL B 149 12.77 -12.88 -0.65
C VAL B 149 11.35 -13.18 -1.17
N CYS B 150 10.53 -13.82 -0.35
CA CYS B 150 9.11 -14.00 -0.72
C CYS B 150 8.39 -12.67 -0.88
N LEU B 151 8.52 -11.80 0.12
CA LEU B 151 7.85 -10.49 0.11
C LEU B 151 8.28 -9.66 -1.06
N LYS B 152 9.58 -9.67 -1.35
CA LYS B 152 10.09 -8.90 -2.47
C LYS B 152 9.52 -9.37 -3.82
N SER B 153 9.42 -10.68 -4.04
CA SER B 153 8.82 -11.19 -5.27
CA SER B 153 8.82 -11.19 -5.27
C SER B 153 7.32 -10.89 -5.34
N ILE B 154 6.67 -10.86 -4.19
CA ILE B 154 5.24 -10.54 -4.13
C ILE B 154 5.03 -9.10 -4.63
N ILE B 155 5.85 -8.17 -4.15
CA ILE B 155 5.82 -6.78 -4.64
C ILE B 155 5.94 -6.71 -6.17
N LEU B 156 6.92 -7.42 -6.73
CA LEU B 156 7.15 -7.41 -8.17
C LEU B 156 5.89 -7.83 -8.92
N LEU B 157 5.26 -8.91 -8.45
CA LEU B 157 4.09 -9.47 -9.14
C LEU B 157 2.80 -8.72 -8.85
N ASN B 158 2.67 -8.20 -7.63
CA ASN B 158 1.40 -7.61 -7.19
C ASN B 158 1.22 -6.15 -7.58
N SER B 159 2.26 -5.36 -7.47
CA SER B 159 2.05 -3.91 -7.49
C SER B 159 1.38 -3.43 -8.79
N GLY B 160 1.79 -3.97 -9.92
CA GLY B 160 1.22 -3.52 -11.17
C GLY B 160 0.04 -4.34 -11.71
N VAL B 161 -0.36 -5.38 -10.99
CA VAL B 161 -1.27 -6.36 -11.58
C VAL B 161 -2.70 -5.83 -11.83
N TYR B 162 -3.13 -4.84 -11.05
CA TYR B 162 -4.48 -4.30 -11.14
CA TYR B 162 -4.50 -4.32 -11.18
C TYR B 162 -4.59 -3.21 -12.21
N THR B 163 -3.45 -2.73 -12.67
CA THR B 163 -3.43 -1.67 -13.66
C THR B 163 -3.13 -2.25 -15.04
N PHE B 164 -3.43 -3.54 -15.16
CA PHE B 164 -3.40 -4.25 -16.43
C PHE B 164 -4.68 -3.94 -17.20
N LYS B 175 -3.78 -11.74 -16.08
CA LYS B 175 -3.56 -11.56 -14.64
C LYS B 175 -3.65 -12.90 -13.93
N ASP B 176 -4.27 -13.87 -14.59
CA ASP B 176 -4.55 -15.16 -13.97
C ASP B 176 -3.28 -15.91 -13.62
N HIS B 177 -2.33 -15.91 -14.53
CA HIS B 177 -1.04 -16.52 -14.28
C HIS B 177 -0.41 -15.84 -13.05
N ILE B 178 -0.42 -14.51 -13.05
CA ILE B 178 0.22 -13.74 -11.96
C ILE B 178 -0.40 -14.07 -10.62
N HIS B 179 -1.72 -14.15 -10.57
CA HIS B 179 -2.39 -14.47 -9.32
C HIS B 179 -2.11 -15.90 -8.86
N ARG B 180 -1.98 -16.83 -9.80
CA ARG B 180 -1.59 -18.19 -9.42
C ARG B 180 -0.17 -18.23 -8.86
N VAL B 181 0.73 -17.47 -9.45
CA VAL B 181 2.10 -17.41 -8.95
C VAL B 181 2.13 -16.77 -7.55
N LEU B 182 1.35 -15.70 -7.37
CA LEU B 182 1.24 -15.08 -6.05
C LEU B 182 0.75 -16.06 -5.00
N ASP B 183 -0.24 -16.87 -5.36
CA ASP B 183 -0.75 -17.93 -4.49
C ASP B 183 0.35 -18.90 -4.10
N LYS B 184 1.16 -19.28 -5.08
CA LYS B 184 2.26 -20.20 -4.83
C LYS B 184 3.24 -19.59 -3.83
N ILE B 185 3.47 -18.28 -3.95
CA ILE B 185 4.35 -17.61 -2.99
C ILE B 185 3.74 -17.50 -1.59
N THR B 186 2.42 -17.38 -1.50
CA THR B 186 1.75 -17.41 -0.20
C THR B 186 1.95 -18.78 0.46
N ASP B 187 1.75 -19.83 -0.33
CA ASP B 187 1.94 -21.20 0.14
C ASP B 187 3.36 -21.32 0.67
N THR B 188 4.30 -20.73 -0.05
CA THR B 188 5.71 -20.81 0.31
C THR B 188 6.00 -20.07 1.64
N LEU B 189 5.43 -18.88 1.78
CA LEU B 189 5.55 -18.14 3.03
C LEU B 189 4.99 -18.92 4.22
N ILE B 190 3.82 -19.52 4.03
CA ILE B 190 3.20 -20.32 5.08
C ILE B 190 4.05 -21.55 5.38
N HIS B 191 4.59 -22.15 4.31
CA HIS B 191 5.50 -23.28 4.49
C HIS B 191 6.64 -22.86 5.42
N LEU B 192 7.26 -21.71 5.15
CA LEU B 192 8.40 -21.28 5.95
C LEU B 192 8.04 -21.05 7.42
N MET B 193 6.85 -20.51 7.66
CA MET B 193 6.41 -20.25 9.04
C MET B 193 6.07 -21.52 9.82
N ALA B 194 5.46 -22.48 9.15
CA ALA B 194 5.21 -23.78 9.77
C ALA B 194 6.56 -24.45 10.05
N LYS B 195 7.45 -24.39 9.07
CA LYS B 195 8.78 -24.95 9.23
C LYS B 195 9.50 -24.36 10.44
N ALA B 196 9.26 -23.08 10.71
CA ALA B 196 9.92 -22.41 11.83
C ALA B 196 9.23 -22.62 13.18
N GLY B 197 8.14 -23.38 13.19
CA GLY B 197 7.50 -23.79 14.42
C GLY B 197 6.27 -23.00 14.86
N LEU B 198 5.80 -22.08 14.02
CA LEU B 198 4.64 -21.27 14.38
C LEU B 198 3.35 -22.07 14.30
N THR B 199 2.45 -21.85 15.24
CA THR B 199 1.13 -22.50 15.18
C THR B 199 0.35 -21.97 13.98
N LEU B 200 -0.75 -22.62 13.65
CA LEU B 200 -1.64 -22.14 12.59
C LEU B 200 -2.05 -20.68 12.80
N GLN B 201 -2.53 -20.36 13.99
CA GLN B 201 -2.94 -18.99 14.29
C GLN B 201 -1.78 -18.00 14.16
N GLN B 202 -0.58 -18.43 14.52
CA GLN B 202 0.59 -17.55 14.40
C GLN B 202 0.97 -17.35 12.95
N GLN B 203 0.80 -18.39 12.15
CA GLN B 203 1.15 -18.33 10.74
C GLN B 203 0.26 -17.33 10.00
N HIS B 204 -1.05 -17.42 10.20
CA HIS B 204 -1.91 -16.47 9.51
CA HIS B 204 -1.95 -16.48 9.54
C HIS B 204 -1.78 -15.05 10.06
N GLN B 205 -1.57 -14.91 11.37
CA GLN B 205 -1.33 -13.58 11.93
C GLN B 205 -0.06 -12.98 11.34
N ARG B 206 0.98 -13.80 11.21
CA ARG B 206 2.25 -13.31 10.70
C ARG B 206 2.15 -12.99 9.21
N LEU B 207 1.46 -13.85 8.48
CA LEU B 207 1.24 -13.60 7.06
C LEU B 207 0.60 -12.23 6.90
N ALA B 208 -0.43 -11.96 7.70
CA ALA B 208 -1.13 -10.68 7.60
C ALA B 208 -0.22 -9.51 7.95
N GLN B 209 0.54 -9.65 9.04
CA GLN B 209 1.46 -8.61 9.49
C GLN B 209 2.44 -8.23 8.39
N LEU B 210 3.01 -9.24 7.75
CA LEU B 210 3.96 -8.99 6.66
C LEU B 210 3.30 -8.31 5.46
N LEU B 211 2.16 -8.84 5.02
CA LEU B 211 1.49 -8.24 3.86
C LEU B 211 1.01 -6.81 4.11
N LEU B 212 0.65 -6.51 5.36
CA LEU B 212 0.22 -5.15 5.68
C LEU B 212 1.36 -4.16 5.58
N ILE B 213 2.58 -4.62 5.83
CA ILE B 213 3.74 -3.74 5.67
C ILE B 213 3.90 -3.31 4.22
N LEU B 214 3.46 -4.17 3.29
CA LEU B 214 3.54 -3.85 1.87
C LEU B 214 2.73 -2.60 1.49
N SER B 215 1.67 -2.33 2.25
CA SER B 215 0.92 -1.10 2.06
C SER B 215 1.77 0.12 2.39
N HIS B 216 2.56 0.02 3.45
CA HIS B 216 3.44 1.11 3.84
CA HIS B 216 3.44 1.11 3.83
C HIS B 216 4.56 1.27 2.81
N ILE B 217 5.06 0.17 2.28
CA ILE B 217 6.09 0.25 1.25
C ILE B 217 5.57 0.95 -0.03
N ARG B 218 4.35 0.64 -0.42
CA ARG B 218 3.73 1.36 -1.53
C ARG B 218 3.68 2.85 -1.24
N HIS B 219 3.27 3.20 -0.03
CA HIS B 219 3.17 4.62 0.36
C HIS B 219 4.53 5.30 0.23
N MET B 220 5.56 4.65 0.76
CA MET B 220 6.90 5.22 0.69
C MET B 220 7.36 5.40 -0.76
N SER B 221 7.05 4.43 -1.59
CA SER B 221 7.42 4.50 -3.00
C SER B 221 6.74 5.68 -3.67
N ASN B 222 5.48 5.91 -3.34
CA ASN B 222 4.75 7.01 -3.95
C ASN B 222 5.30 8.36 -3.52
N LYS B 223 5.68 8.47 -2.25
CA LYS B 223 6.29 9.70 -1.75
C LYS B 223 7.67 9.87 -2.38
N GLY B 224 8.39 8.75 -2.51
CA GLY B 224 9.69 8.77 -3.14
C GLY B 224 9.62 9.21 -4.59
N MET B 225 8.56 8.80 -5.29
CA MET B 225 8.45 9.13 -6.71
C MET B 225 8.19 10.63 -6.87
N GLU B 226 7.42 11.21 -5.95
CA GLU B 226 7.21 12.66 -5.97
C GLU B 226 8.54 13.37 -5.67
N HIS B 227 9.33 12.79 -4.78
CA HIS B 227 10.60 13.42 -4.46
C HIS B 227 11.52 13.41 -5.69
N LEU B 228 11.53 12.29 -6.41
CA LEU B 228 12.40 12.14 -7.58
C LEU B 228 12.00 13.12 -8.67
N TYR B 229 10.69 13.28 -8.86
CA TYR B 229 10.20 14.23 -9.83
C TYR B 229 10.69 15.65 -9.51
N SER B 230 10.57 16.07 -8.26
CA SER B 230 11.02 17.41 -7.89
C SER B 230 12.52 17.57 -8.15
N MET B 231 13.29 16.51 -7.87
CA MET B 231 14.73 16.50 -8.15
C MET B 231 15.00 16.63 -9.65
N LYS B 232 14.22 15.90 -10.45
CA LYS B 232 14.29 16.06 -11.90
C LYS B 232 14.05 17.53 -12.28
N LYS B 234 14.27 20.28 -10.40
CA LYS B 234 15.33 21.14 -9.90
C LYS B 234 16.58 21.05 -10.78
N ASN B 235 16.69 19.97 -11.53
CA ASN B 235 17.73 19.82 -12.54
C ASN B 235 19.15 20.11 -12.06
N VAL B 236 19.42 19.78 -10.79
CA VAL B 236 20.76 19.94 -10.25
C VAL B 236 21.53 18.63 -10.31
N VAL B 237 20.83 17.53 -10.05
CA VAL B 237 21.47 16.22 -10.03
C VAL B 237 21.24 15.44 -11.32
N PRO B 238 22.33 15.09 -12.00
CA PRO B 238 22.23 14.27 -13.22
C PRO B 238 21.54 12.94 -12.91
N LEU B 239 20.57 12.57 -13.74
CA LEU B 239 19.85 11.33 -13.56
C LEU B 239 20.03 10.46 -14.79
N SER B 240 20.30 9.17 -14.58
CA SER B 240 20.51 8.28 -15.71
C SER B 240 19.27 8.22 -16.59
N ASP B 241 19.46 7.88 -17.85
CA ASP B 241 18.34 7.72 -18.77
C ASP B 241 17.40 6.64 -18.26
N LEU B 242 17.97 5.58 -17.67
CA LEU B 242 17.16 4.50 -17.11
C LEU B 242 16.28 5.01 -15.97
N LEU B 243 16.88 5.78 -15.06
CA LEU B 243 16.14 6.31 -13.92
C LEU B 243 15.07 7.28 -14.39
N LEU B 244 15.43 8.09 -15.39
CA LEU B 244 14.47 9.02 -15.97
C LEU B 244 13.29 8.30 -16.63
N GLU B 245 13.56 7.15 -17.24
CA GLU B 245 12.49 6.40 -17.91
C GLU B 245 11.60 5.67 -16.91
N MET B 246 12.19 5.16 -15.83
CA MET B 246 11.42 4.52 -14.75
C MET B 246 10.52 5.54 -14.05
N LEU B 247 11.02 6.76 -13.86
CA LEU B 247 10.26 7.86 -13.30
C LEU B 247 9.11 8.27 -14.20
N ASP B 248 9.40 8.36 -15.50
CA ASP B 248 8.41 8.82 -16.47
C ASP B 248 7.21 7.87 -16.56
N ALA B 249 7.47 6.58 -16.35
CA ALA B 249 6.43 5.57 -16.40
C ALA B 249 5.33 5.90 -15.41
N HIS B 250 5.69 6.56 -14.32
CA HIS B 250 4.70 6.92 -13.32
C HIS B 250 3.91 8.18 -13.67
N ARG B 251 4.19 8.73 -14.86
CA ARG B 251 3.47 9.88 -15.42
C ARG B 251 3.12 10.85 -14.31
N LEU B 252 4.17 11.33 -13.63
CA LEU B 252 4.07 11.90 -12.30
C LEU B 252 4.67 13.31 -12.21
N HIS C 2 -7.71 21.51 18.10
CA HIS C 2 -8.42 22.59 17.42
C HIS C 2 -8.71 22.24 15.96
N LYS C 3 -8.09 21.16 15.48
CA LYS C 3 -8.46 20.59 14.19
C LYS C 3 -9.94 20.24 14.21
N ILE C 4 -10.61 20.38 13.08
CA ILE C 4 -12.00 19.96 12.97
C ILE C 4 -12.16 18.49 13.34
N LEU C 5 -11.29 17.66 12.78
CA LEU C 5 -11.29 16.23 13.04
C LEU C 5 -11.16 15.96 14.53
N HIS C 6 -10.32 16.76 15.18
CA HIS C 6 -10.08 16.62 16.61
C HIS C 6 -11.37 16.87 17.39
N ARG C 7 -12.07 17.93 16.99
CA ARG C 7 -13.30 18.31 17.68
C ARG C 7 -14.40 17.25 17.50
N LEU C 8 -14.60 16.80 16.27
CA LEU C 8 -15.61 15.81 15.94
C LEU C 8 -15.34 14.48 16.65
N LEU C 9 -14.07 14.13 16.78
CA LEU C 9 -13.68 12.94 17.52
C LEU C 9 -14.02 13.05 19.01
N GLN C 10 -14.12 14.29 19.50
CA GLN C 10 -14.59 14.55 20.86
C GLN C 10 -16.11 14.61 20.92
N GLU C 11 -16.65 15.67 20.31
CA GLU C 11 -18.09 15.89 20.30
C GLU C 11 -18.84 14.70 19.72
N HIS D 2 11.05 2.04 -27.50
CA HIS D 2 12.48 2.06 -27.20
C HIS D 2 12.76 2.47 -25.75
N LYS D 3 13.16 1.50 -24.93
CA LYS D 3 13.42 1.76 -23.53
C LYS D 3 14.64 0.98 -23.08
N ILE D 4 15.46 1.61 -22.26
CA ILE D 4 16.58 0.91 -21.65
C ILE D 4 16.05 -0.38 -21.03
N LEU D 5 14.88 -0.27 -20.40
CA LEU D 5 14.26 -1.43 -19.77
C LEU D 5 14.08 -2.61 -20.74
N HIS D 6 13.62 -2.33 -21.94
CA HIS D 6 13.54 -3.36 -22.98
C HIS D 6 14.89 -4.03 -23.23
N ARG D 7 15.94 -3.21 -23.35
CA ARG D 7 17.24 -3.77 -23.64
C ARG D 7 17.70 -4.67 -22.50
N LEU D 8 17.48 -4.23 -21.28
CA LEU D 8 17.94 -4.98 -20.13
C LEU D 8 17.17 -6.29 -19.98
N LEU D 9 15.86 -6.23 -20.22
CA LEU D 9 15.04 -7.43 -20.12
C LEU D 9 15.41 -8.44 -21.21
N GLN D 10 15.93 -7.94 -22.32
CA GLN D 10 16.23 -8.81 -23.48
C GLN D 10 17.70 -9.21 -23.62
N GLU D 11 18.58 -8.47 -22.95
CA GLU D 11 20.01 -8.75 -23.04
C GLU D 11 20.33 -10.13 -22.48
#